data_4V2E
#
_entry.id   4V2E
#
_cell.length_a   59.810
_cell.length_b   61.970
_cell.length_c   92.970
_cell.angle_alpha   90.00
_cell.angle_beta   106.38
_cell.angle_gamma   90.00
#
_symmetry.space_group_name_H-M   'P 1 21 1'
#
_entity_poly.entity_id   1
_entity_poly.type   'polypeptide(L)'
_entity_poly.pdbx_seq_one_letter_code
;KSCPSVCRCDAGFIYCNDRSLTSIPVGIPEDATTLYLQNNQINNVGIPSDLKNLLKVQRIYLYHNSLDEFPTNLPKYVKE
LHLQENNIRTITYDSLSKIPYLEELHLDDNSVSAVSIEEGAFRDSNYLRLLFLSRNHLSTIPGGLPRTIEELRLDDNRIS
TISSPSLHGLTSLKRLVLDGNLLNNHGLGDKVFFNLVNLTELSLVRNSLTAAPVNLPGTSLRKLYLQDNHINRVPPNAFS
YLRQLYRLDMSNNNLSNLPQGIFDDLDNITQLILRNNPWYCGCKMKWVRDWLQSLPVKVNVRGLMCQAPEKVRGMAIKDL
SAELFDCKDSG
;
_entity_poly.pdbx_strand_id   A,B
#
# COMPACT_ATOMS: atom_id res chain seq x y z
N SER A 2 6.37 -34.81 33.74
CA SER A 2 5.80 -34.04 32.65
C SER A 2 6.84 -33.28 31.84
N CYS A 3 7.89 -32.77 32.52
CA CYS A 3 8.97 -31.98 31.94
C CYS A 3 10.13 -32.85 31.40
N PRO A 4 10.82 -32.47 30.29
CA PRO A 4 11.93 -33.29 29.78
C PRO A 4 13.20 -33.27 30.65
N SER A 5 14.20 -34.10 30.26
CA SER A 5 15.48 -34.23 30.97
C SER A 5 16.36 -32.97 30.93
N VAL A 6 16.44 -32.30 29.76
CA VAL A 6 17.26 -31.09 29.57
C VAL A 6 16.49 -29.82 29.93
N CYS A 7 15.29 -29.63 29.33
CA CYS A 7 14.43 -28.46 29.54
C CYS A 7 13.69 -28.50 30.89
N ARG A 8 13.54 -27.32 31.52
CA ARG A 8 12.84 -27.16 32.80
C ARG A 8 11.65 -26.21 32.72
N CYS A 9 10.49 -26.64 33.24
CA CYS A 9 9.21 -25.91 33.22
C CYS A 9 8.63 -25.70 34.62
N ASP A 10 7.76 -24.67 34.75
CA ASP A 10 7.09 -24.31 36.00
C ASP A 10 5.76 -23.55 35.77
N ALA A 11 4.64 -24.21 36.14
CA ALA A 11 3.25 -23.72 36.05
C ALA A 11 2.85 -22.99 34.75
N GLY A 12 3.11 -23.66 33.62
CA GLY A 12 2.78 -23.18 32.28
C GLY A 12 3.90 -22.44 31.57
N PHE A 13 4.94 -22.03 32.31
CA PHE A 13 6.10 -21.30 31.79
C PHE A 13 7.25 -22.30 31.54
N ILE A 14 7.43 -22.70 30.26
CA ILE A 14 8.41 -23.71 29.84
C ILE A 14 9.72 -23.07 29.33
N TYR A 15 10.80 -23.16 30.13
CA TYR A 15 12.13 -22.61 29.81
C TYR A 15 13.10 -23.66 29.26
N CYS A 16 13.25 -23.71 27.93
CA CYS A 16 14.18 -24.63 27.25
C CYS A 16 15.38 -23.83 26.71
N ASN A 17 15.33 -22.49 26.87
CA ASN A 17 16.31 -21.49 26.43
C ASN A 17 17.73 -21.69 26.94
N ASP A 18 18.71 -21.30 26.09
CA ASP A 18 20.17 -21.35 26.34
C ASP A 18 20.67 -22.73 26.80
N ARG A 19 20.28 -23.78 26.03
CA ARG A 19 20.65 -25.18 26.30
C ARG A 19 21.27 -25.88 25.07
N SER A 20 21.53 -25.10 24.00
CA SER A 20 22.12 -25.54 22.72
C SER A 20 21.38 -26.71 22.04
N LEU A 21 20.03 -26.66 22.08
CA LEU A 21 19.15 -27.68 21.50
C LEU A 21 19.00 -27.49 19.99
N THR A 22 19.08 -28.60 19.23
CA THR A 22 18.94 -28.61 17.77
C THR A 22 17.48 -28.83 17.35
N SER A 23 16.69 -29.52 18.21
CA SER A 23 15.28 -29.81 17.97
C SER A 23 14.45 -29.68 19.25
N ILE A 24 13.20 -29.28 19.11
CA ILE A 24 12.29 -29.18 20.26
C ILE A 24 11.98 -30.56 20.82
N PRO A 25 11.83 -30.64 22.14
CA PRO A 25 11.48 -31.92 22.77
C PRO A 25 10.10 -32.38 22.31
N VAL A 26 9.93 -33.68 22.08
CA VAL A 26 8.68 -34.19 21.56
C VAL A 26 7.51 -33.95 22.50
N GLY A 27 7.75 -34.14 23.80
CA GLY A 27 6.67 -34.02 24.77
C GLY A 27 6.78 -32.78 25.63
N ILE A 28 5.68 -32.04 25.68
CA ILE A 28 5.57 -30.86 26.51
C ILE A 28 4.28 -31.00 27.29
N PRO A 29 4.20 -30.38 28.46
CA PRO A 29 3.03 -30.56 29.31
C PRO A 29 1.77 -30.07 28.60
N GLU A 30 0.70 -30.86 28.69
CA GLU A 30 -0.58 -30.48 28.07
C GLU A 30 -1.06 -29.06 28.38
N ASP A 31 -0.92 -28.62 29.65
CA ASP A 31 -1.31 -27.27 30.07
C ASP A 31 -0.09 -26.36 30.12
N ALA A 32 -0.10 -25.31 29.26
CA ALA A 32 0.99 -24.34 29.12
C ALA A 32 0.47 -22.94 28.82
N THR A 33 1.33 -21.92 29.04
CA THR A 33 1.00 -20.51 28.78
C THR A 33 2.14 -19.85 27.98
N THR A 34 3.40 -20.07 28.40
CA THR A 34 4.58 -19.50 27.76
C THR A 34 5.60 -20.60 27.40
N LEU A 35 6.17 -20.52 26.19
CA LEU A 35 7.15 -21.48 25.68
C LEU A 35 8.43 -20.75 25.23
N TYR A 36 9.56 -21.03 25.91
CA TYR A 36 10.86 -20.41 25.64
C TYR A 36 11.79 -21.35 24.88
N LEU A 37 12.08 -21.02 23.62
CA LEU A 37 12.98 -21.78 22.75
C LEU A 37 14.07 -20.86 22.18
N GLN A 38 14.23 -19.68 22.82
CA GLN A 38 15.19 -18.63 22.45
C GLN A 38 16.66 -19.02 22.69
N ASN A 39 17.58 -18.38 21.94
CA ASN A 39 19.04 -18.56 21.99
C ASN A 39 19.53 -20.01 21.80
N ASN A 40 18.83 -20.78 20.95
CA ASN A 40 19.15 -22.18 20.66
C ASN A 40 19.51 -22.40 19.18
N GLN A 41 19.86 -23.65 18.82
CA GLN A 41 20.24 -24.05 17.45
C GLN A 41 19.07 -24.74 16.72
N ILE A 42 17.82 -24.44 17.13
CA ILE A 42 16.59 -25.01 16.55
C ILE A 42 16.35 -24.47 15.13
N ASN A 43 16.29 -25.38 14.15
CA ASN A 43 16.05 -25.07 12.74
C ASN A 43 14.59 -25.34 12.32
N ASN A 44 14.27 -25.13 11.02
CA ASN A 44 12.93 -25.33 10.46
C ASN A 44 12.47 -26.79 10.49
N VAL A 45 13.41 -27.74 10.37
CA VAL A 45 13.15 -29.19 10.40
C VAL A 45 13.10 -29.78 11.81
N GLY A 46 13.61 -29.03 12.79
CA GLY A 46 13.65 -29.42 14.20
C GLY A 46 12.31 -29.40 14.92
N ILE A 47 11.28 -28.77 14.30
CA ILE A 47 9.93 -28.67 14.86
C ILE A 47 9.21 -30.03 14.78
N PRO A 48 8.70 -30.59 15.92
CA PRO A 48 8.03 -31.89 15.85
C PRO A 48 6.58 -31.81 15.35
N SER A 49 6.00 -32.96 14.98
CA SER A 49 4.63 -33.08 14.48
C SER A 49 3.57 -32.83 15.57
N ASP A 50 3.88 -33.18 16.83
CA ASP A 50 2.97 -33.01 17.98
C ASP A 50 3.16 -31.66 18.70
N LEU A 51 3.25 -30.56 17.92
CA LEU A 51 3.40 -29.19 18.44
C LEU A 51 2.10 -28.42 18.25
N LYS A 52 1.34 -28.73 17.17
CA LYS A 52 0.06 -28.11 16.84
C LYS A 52 -1.08 -28.55 17.79
N ASN A 53 -0.88 -29.69 18.50
CA ASN A 53 -1.82 -30.26 19.46
C ASN A 53 -2.02 -29.39 20.71
N LEU A 54 -1.00 -28.56 21.04
CA LEU A 54 -1.01 -27.65 22.20
C LEU A 54 -2.01 -26.52 21.94
N LEU A 55 -3.09 -26.47 22.76
CA LEU A 55 -4.17 -25.48 22.64
C LEU A 55 -4.05 -24.32 23.63
N LYS A 56 -3.67 -24.62 24.89
CA LYS A 56 -3.55 -23.64 25.98
C LYS A 56 -2.43 -22.60 25.81
N VAL A 57 -1.41 -22.88 24.98
CA VAL A 57 -0.26 -22.01 24.70
C VAL A 57 -0.74 -20.68 24.08
N GLN A 58 -0.09 -19.56 24.45
CA GLN A 58 -0.42 -18.22 23.95
C GLN A 58 0.78 -17.46 23.39
N ARG A 59 1.95 -17.56 24.06
CA ARG A 59 3.17 -16.87 23.64
C ARG A 59 4.41 -17.77 23.55
N ILE A 60 5.09 -17.73 22.39
CA ILE A 60 6.30 -18.52 22.12
C ILE A 60 7.47 -17.59 21.73
N TYR A 61 8.65 -17.82 22.35
CA TYR A 61 9.87 -17.05 22.11
C TYR A 61 10.88 -17.91 21.34
N LEU A 62 10.92 -17.73 20.00
CA LEU A 62 11.79 -18.47 19.09
C LEU A 62 12.92 -17.61 18.47
N TYR A 63 13.21 -16.43 19.07
CA TYR A 63 14.25 -15.56 18.55
C TYR A 63 15.68 -16.09 18.77
N HIS A 64 16.61 -15.74 17.85
CA HIS A 64 18.03 -16.16 17.83
C HIS A 64 18.16 -17.69 17.65
N ASN A 65 17.54 -18.21 16.58
CA ASN A 65 17.54 -19.64 16.23
C ASN A 65 18.03 -19.92 14.79
N SER A 66 18.10 -21.21 14.41
CA SER A 66 18.58 -21.68 13.10
C SER A 66 17.47 -21.78 12.02
N LEU A 67 16.37 -21.03 12.18
CA LEU A 67 15.24 -21.03 11.24
C LEU A 67 15.61 -20.46 9.87
N ASP A 68 15.31 -21.22 8.80
CA ASP A 68 15.60 -20.85 7.40
C ASP A 68 14.38 -20.23 6.72
N GLU A 69 13.17 -20.72 7.05
CA GLU A 69 11.89 -20.24 6.52
C GLU A 69 10.88 -20.02 7.65
N PHE A 70 9.62 -19.68 7.31
CA PHE A 70 8.56 -19.46 8.32
C PHE A 70 8.19 -20.82 8.95
N PRO A 71 8.14 -20.90 10.30
CA PRO A 71 7.87 -22.21 10.96
C PRO A 71 6.53 -22.86 10.62
N THR A 72 6.56 -24.20 10.46
CA THR A 72 5.41 -25.04 10.15
C THR A 72 5.00 -25.85 11.40
N ASN A 73 3.76 -26.37 11.41
CA ASN A 73 3.16 -27.17 12.49
C ASN A 73 3.12 -26.46 13.87
N LEU A 74 2.97 -25.11 13.85
CA LEU A 74 2.89 -24.26 15.03
C LEU A 74 1.56 -24.47 15.78
N PRO A 75 1.48 -24.20 17.11
CA PRO A 75 0.21 -24.40 17.84
C PRO A 75 -0.99 -23.63 17.28
N LYS A 76 -2.21 -24.17 17.52
CA LYS A 76 -3.49 -23.63 17.06
C LYS A 76 -3.76 -22.19 17.55
N TYR A 77 -3.25 -21.83 18.73
CA TYR A 77 -3.44 -20.50 19.31
C TYR A 77 -2.09 -19.89 19.69
N VAL A 78 -1.66 -18.83 18.96
CA VAL A 78 -0.39 -18.13 19.20
C VAL A 78 -0.63 -16.61 19.15
N LYS A 79 -0.87 -15.99 20.33
CA LYS A 79 -1.12 -14.56 20.45
C LYS A 79 0.14 -13.75 20.15
N GLU A 80 1.26 -14.08 20.83
CA GLU A 80 2.56 -13.42 20.66
C GLU A 80 3.57 -14.41 20.05
N LEU A 81 4.22 -14.01 18.96
CA LEU A 81 5.21 -14.86 18.27
C LEU A 81 6.46 -14.05 17.92
N HIS A 82 7.62 -14.46 18.47
CA HIS A 82 8.90 -13.80 18.28
C HIS A 82 9.84 -14.63 17.41
N LEU A 83 10.05 -14.19 16.15
CA LEU A 83 10.91 -14.86 15.19
C LEU A 83 11.96 -13.85 14.71
N GLN A 84 12.85 -13.45 15.63
CA GLN A 84 13.90 -12.46 15.39
C GLN A 84 15.31 -13.09 15.41
N GLU A 85 16.32 -12.33 14.92
CA GLU A 85 17.75 -12.70 14.86
C GLU A 85 18.07 -14.02 14.13
N ASN A 86 17.15 -14.51 13.28
CA ASN A 86 17.29 -15.74 12.51
C ASN A 86 17.35 -15.48 10.99
N ASN A 87 17.72 -16.51 10.21
CA ASN A 87 17.86 -16.40 8.75
C ASN A 87 16.58 -16.78 7.98
N ILE A 88 15.42 -16.25 8.41
CA ILE A 88 14.13 -16.50 7.76
C ILE A 88 14.08 -15.77 6.41
N ARG A 89 13.84 -16.52 5.33
CA ARG A 89 13.77 -16.01 3.97
C ARG A 89 12.38 -16.21 3.36
N THR A 90 11.79 -17.40 3.56
CA THR A 90 10.49 -17.77 3.01
C THR A 90 9.34 -17.53 3.99
N ILE A 91 8.36 -16.71 3.57
CA ILE A 91 7.11 -16.41 4.30
C ILE A 91 5.97 -16.59 3.29
N THR A 92 5.44 -17.82 3.23
CA THR A 92 4.34 -18.21 2.33
C THR A 92 2.99 -18.12 3.03
N TYR A 93 1.89 -18.22 2.25
CA TYR A 93 0.52 -18.15 2.74
C TYR A 93 0.18 -19.32 3.66
N ASP A 94 0.63 -20.55 3.31
CA ASP A 94 0.39 -21.80 4.05
C ASP A 94 0.84 -21.77 5.52
N SER A 95 2.10 -21.36 5.78
CA SER A 95 2.68 -21.30 7.12
C SER A 95 2.02 -20.22 7.99
N LEU A 96 1.64 -19.08 7.39
CA LEU A 96 1.01 -17.95 8.07
C LEU A 96 -0.47 -18.21 8.38
N SER A 97 -1.21 -18.85 7.45
CA SER A 97 -2.64 -19.16 7.62
C SER A 97 -2.88 -20.35 8.55
N LYS A 98 -1.82 -21.16 8.82
CA LYS A 98 -1.86 -22.30 9.73
C LYS A 98 -2.07 -21.86 11.19
N ILE A 99 -1.80 -20.57 11.48
CA ILE A 99 -2.00 -19.94 12.78
C ILE A 99 -3.23 -19.01 12.63
N PRO A 100 -4.46 -19.48 12.99
CA PRO A 100 -5.65 -18.63 12.82
C PRO A 100 -5.69 -17.37 13.67
N TYR A 101 -5.15 -17.45 14.90
CA TYR A 101 -5.09 -16.34 15.84
C TYR A 101 -3.64 -15.90 16.02
N LEU A 102 -3.34 -14.62 15.71
CA LEU A 102 -2.01 -14.04 15.81
C LEU A 102 -2.11 -12.52 16.02
N GLU A 103 -1.88 -12.05 17.25
CA GLU A 103 -1.95 -10.63 17.62
C GLU A 103 -0.70 -9.86 17.16
N GLU A 104 0.50 -10.38 17.48
CA GLU A 104 1.77 -9.72 17.13
C GLU A 104 2.82 -10.67 16.54
N LEU A 105 3.52 -10.20 15.51
CA LEU A 105 4.57 -10.95 14.82
C LEU A 105 5.86 -10.14 14.76
N HIS A 106 6.98 -10.78 15.14
CA HIS A 106 8.32 -10.19 15.18
C HIS A 106 9.22 -10.82 14.09
N LEU A 107 9.88 -9.99 13.26
CA LEU A 107 10.77 -10.43 12.16
C LEU A 107 12.01 -9.51 11.99
N ASP A 108 12.74 -9.25 13.09
CA ASP A 108 13.94 -8.42 13.11
C ASP A 108 15.20 -9.21 12.79
N ASP A 109 16.12 -8.58 12.02
CA ASP A 109 17.42 -9.14 11.58
C ASP A 109 17.29 -10.42 10.73
N ASN A 110 16.32 -10.41 9.79
CA ASN A 110 16.04 -11.53 8.88
C ASN A 110 16.36 -11.19 7.42
N SER A 111 16.42 -12.22 6.55
CA SER A 111 16.71 -12.09 5.12
C SER A 111 15.41 -12.09 4.29
N VAL A 112 14.43 -11.27 4.73
CA VAL A 112 13.12 -11.14 4.09
C VAL A 112 13.14 -9.97 3.09
N SER A 113 12.79 -10.27 1.83
CA SER A 113 12.72 -9.30 0.74
C SER A 113 11.27 -9.08 0.29
N ALA A 114 11.04 -8.11 -0.62
CA ALA A 114 9.71 -7.77 -1.18
C ALA A 114 9.15 -8.94 -1.99
N VAL A 115 10.01 -9.60 -2.77
CA VAL A 115 9.66 -10.74 -3.64
C VAL A 115 9.55 -12.08 -2.87
N SER A 116 10.11 -12.15 -1.65
CA SER A 116 10.08 -13.33 -0.78
C SER A 116 8.66 -13.60 -0.25
N ILE A 117 7.94 -12.52 0.11
CA ILE A 117 6.58 -12.60 0.64
C ILE A 117 5.57 -12.93 -0.47
N GLU A 118 4.57 -13.75 -0.13
CA GLU A 118 3.50 -14.16 -1.05
C GLU A 118 2.50 -13.01 -1.21
N GLU A 119 2.02 -12.78 -2.44
CA GLU A 119 1.06 -11.70 -2.75
C GLU A 119 -0.29 -11.94 -2.06
N GLY A 120 -0.57 -11.13 -1.04
CA GLY A 120 -1.78 -11.21 -0.25
C GLY A 120 -1.76 -12.36 0.75
N ALA A 121 -0.66 -12.47 1.51
CA ALA A 121 -0.46 -13.52 2.51
C ALA A 121 -1.01 -13.13 3.89
N PHE A 122 -0.80 -11.87 4.31
CA PHE A 122 -1.25 -11.35 5.60
C PHE A 122 -2.74 -11.02 5.67
N ARG A 123 -3.41 -10.88 4.51
CA ARG A 123 -4.84 -10.57 4.38
C ARG A 123 -5.80 -11.56 5.06
N ASP A 124 -5.37 -12.83 5.22
CA ASP A 124 -6.17 -13.88 5.85
C ASP A 124 -6.30 -13.67 7.37
N SER A 125 -5.15 -13.56 8.07
CA SER A 125 -5.12 -13.33 9.53
C SER A 125 -5.41 -11.87 9.82
N ASN A 126 -6.65 -11.57 10.25
CA ASN A 126 -7.12 -10.22 10.56
C ASN A 126 -7.03 -9.88 12.06
N TYR A 127 -6.20 -10.63 12.81
CA TYR A 127 -5.98 -10.43 14.24
C TYR A 127 -4.69 -9.64 14.51
N LEU A 128 -3.82 -9.51 13.48
CA LEU A 128 -2.53 -8.82 13.53
C LEU A 128 -2.68 -7.32 13.83
N ARG A 129 -1.97 -6.87 14.88
CA ARG A 129 -1.98 -5.48 15.34
C ARG A 129 -0.56 -4.88 15.31
N LEU A 130 0.44 -5.66 15.77
CA LEU A 130 1.85 -5.23 15.81
C LEU A 130 2.70 -6.09 14.88
N LEU A 131 3.30 -5.46 13.86
CA LEU A 131 4.16 -6.14 12.89
C LEU A 131 5.49 -5.41 12.75
N PHE A 132 6.60 -6.13 12.98
CA PHE A 132 7.95 -5.58 12.92
C PHE A 132 8.77 -6.26 11.80
N LEU A 133 8.96 -5.53 10.68
CA LEU A 133 9.71 -6.00 9.51
C LEU A 133 11.06 -5.27 9.36
N SER A 134 11.58 -4.75 10.49
CA SER A 134 12.84 -4.01 10.54
C SER A 134 14.09 -4.88 10.36
N ARG A 135 15.19 -4.25 9.87
CA ARG A 135 16.50 -4.88 9.59
C ARG A 135 16.43 -6.06 8.61
N ASN A 136 15.64 -5.89 7.54
CA ASN A 136 15.44 -6.89 6.48
C ASN A 136 15.85 -6.35 5.10
N HIS A 137 15.81 -7.21 4.06
CA HIS A 137 16.19 -6.85 2.69
C HIS A 137 14.97 -6.54 1.78
N LEU A 138 13.87 -6.03 2.38
CA LEU A 138 12.63 -5.68 1.68
C LEU A 138 12.82 -4.51 0.70
N SER A 139 12.51 -4.73 -0.59
CA SER A 139 12.63 -3.72 -1.64
C SER A 139 11.45 -2.74 -1.65
N THR A 140 10.26 -3.19 -1.19
CA THR A 140 9.02 -2.41 -1.09
C THR A 140 8.08 -2.98 -0.01
N ILE A 141 7.10 -2.15 0.44
CA ILE A 141 6.11 -2.55 1.44
C ILE A 141 5.07 -3.49 0.76
N PRO A 142 4.79 -4.69 1.33
CA PRO A 142 3.81 -5.61 0.69
C PRO A 142 2.40 -5.05 0.64
N GLY A 143 1.70 -5.34 -0.45
CA GLY A 143 0.33 -4.90 -0.71
C GLY A 143 -0.72 -5.53 0.17
N GLY A 144 -0.67 -6.86 0.29
CA GLY A 144 -1.61 -7.64 1.09
C GLY A 144 -1.35 -7.60 2.57
N LEU A 145 -2.01 -6.67 3.28
CA LEU A 145 -1.90 -6.49 4.74
C LEU A 145 -3.29 -6.21 5.36
N PRO A 146 -3.61 -6.77 6.55
CA PRO A 146 -4.94 -6.50 7.15
C PRO A 146 -5.04 -5.11 7.77
N ARG A 147 -6.26 -4.55 7.77
CA ARG A 147 -6.59 -3.21 8.31
C ARG A 147 -6.34 -3.07 9.81
N THR A 148 -6.43 -4.18 10.57
CA THR A 148 -6.27 -4.25 12.03
C THR A 148 -4.89 -3.85 12.60
N ILE A 149 -3.86 -3.67 11.74
CA ILE A 149 -2.51 -3.29 12.17
C ILE A 149 -2.52 -1.87 12.74
N GLU A 150 -2.01 -1.71 13.98
CA GLU A 150 -1.92 -0.44 14.70
C GLU A 150 -0.49 0.11 14.67
N GLU A 151 0.51 -0.78 14.75
CA GLU A 151 1.94 -0.41 14.74
C GLU A 151 2.70 -1.22 13.69
N LEU A 152 3.45 -0.52 12.82
CA LEU A 152 4.26 -1.12 11.75
C LEU A 152 5.65 -0.49 11.70
N ARG A 153 6.70 -1.32 11.77
CA ARG A 153 8.10 -0.87 11.73
C ARG A 153 8.86 -1.52 10.58
N LEU A 154 9.47 -0.69 9.72
CA LEU A 154 10.24 -1.11 8.55
C LEU A 154 11.62 -0.43 8.49
N ASP A 155 12.19 -0.09 9.67
CA ASP A 155 13.48 0.58 9.80
C ASP A 155 14.68 -0.28 9.39
N ASP A 156 15.73 0.37 8.84
CA ASP A 156 16.98 -0.24 8.35
C ASP A 156 16.76 -1.30 7.26
N ASN A 157 15.94 -0.96 6.25
CA ASN A 157 15.60 -1.84 5.12
C ASN A 157 16.14 -1.31 3.78
N ARG A 158 15.85 -2.03 2.67
CA ARG A 158 16.30 -1.66 1.32
C ARG A 158 15.16 -1.06 0.48
N ILE A 159 14.13 -0.49 1.14
CA ILE A 159 12.95 0.12 0.49
C ILE A 159 13.33 1.37 -0.31
N SER A 160 13.06 1.35 -1.62
CA SER A 160 13.36 2.45 -2.53
C SER A 160 12.09 3.15 -3.03
N THR A 161 11.04 2.37 -3.37
CA THR A 161 9.76 2.87 -3.87
C THR A 161 8.58 2.31 -3.09
N ILE A 162 7.57 3.16 -2.82
CA ILE A 162 6.34 2.76 -2.10
C ILE A 162 5.16 2.83 -3.06
N SER A 163 4.51 1.68 -3.31
CA SER A 163 3.32 1.59 -4.16
C SER A 163 2.11 2.16 -3.43
N SER A 164 1.20 2.80 -4.18
CA SER A 164 -0.01 3.44 -3.64
C SER A 164 -1.06 2.53 -2.97
N PRO A 165 -1.53 1.39 -3.55
CA PRO A 165 -2.52 0.57 -2.83
C PRO A 165 -1.96 -0.28 -1.69
N SER A 166 -0.64 -0.18 -1.42
CA SER A 166 0.05 -0.92 -0.36
C SER A 166 -0.35 -0.45 1.04
N LEU A 167 -0.45 0.88 1.25
CA LEU A 167 -0.81 1.47 2.55
C LEU A 167 -2.27 1.97 2.62
N HIS A 168 -2.97 2.02 1.45
CA HIS A 168 -4.36 2.46 1.38
C HIS A 168 -5.30 1.42 2.00
N GLY A 169 -6.22 1.91 2.83
CA GLY A 169 -7.21 1.08 3.52
C GLY A 169 -6.95 0.91 5.00
N LEU A 170 -5.67 0.96 5.42
CA LEU A 170 -5.25 0.81 6.82
C LEU A 170 -5.69 2.01 7.67
N THR A 171 -6.97 2.00 8.09
CA THR A 171 -7.60 3.06 8.88
C THR A 171 -7.08 3.13 10.33
N SER A 172 -6.96 1.97 11.00
CA SER A 172 -6.51 1.87 12.40
C SER A 172 -4.98 1.92 12.62
N LEU A 173 -4.21 2.26 11.57
CA LEU A 173 -2.75 2.39 11.65
C LEU A 173 -2.38 3.66 12.41
N LYS A 174 -1.56 3.53 13.47
CA LYS A 174 -1.13 4.65 14.33
C LYS A 174 0.35 5.01 14.15
N ARG A 175 1.24 4.01 14.13
CA ARG A 175 2.68 4.23 14.01
C ARG A 175 3.27 3.56 12.77
N LEU A 176 4.07 4.31 12.00
CA LEU A 176 4.76 3.85 10.80
C LEU A 176 6.20 4.35 10.80
N VAL A 177 7.18 3.43 10.91
CA VAL A 177 8.61 3.73 10.95
C VAL A 177 9.28 3.27 9.66
N LEU A 178 9.90 4.22 8.94
CA LEU A 178 10.62 3.97 7.68
C LEU A 178 12.02 4.61 7.72
N ASP A 179 12.88 4.09 8.61
CA ASP A 179 14.25 4.57 8.78
C ASP A 179 15.29 3.75 8.02
N GLY A 180 16.45 4.35 7.77
CA GLY A 180 17.58 3.74 7.07
C GLY A 180 17.27 3.13 5.72
N ASN A 181 16.47 3.84 4.90
CA ASN A 181 16.06 3.40 3.56
C ASN A 181 16.59 4.32 2.47
N LEU A 182 16.48 3.89 1.20
CA LEU A 182 16.90 4.64 0.02
C LEU A 182 15.68 5.37 -0.60
N LEU A 183 14.73 5.79 0.24
CA LEU A 183 13.50 6.47 -0.15
C LEU A 183 13.70 7.92 -0.56
N ASN A 184 13.41 8.23 -1.84
CA ASN A 184 13.51 9.55 -2.43
C ASN A 184 12.12 10.21 -2.46
N ASN A 185 12.04 11.50 -2.88
CA ASN A 185 10.79 12.25 -2.96
C ASN A 185 9.82 11.68 -4.02
N HIS A 186 10.38 11.09 -5.10
CA HIS A 186 9.60 10.46 -6.17
C HIS A 186 9.25 9.00 -5.85
N GLY A 187 10.13 8.33 -5.11
CA GLY A 187 9.95 6.94 -4.68
C GLY A 187 8.78 6.78 -3.73
N LEU A 188 8.61 7.78 -2.82
CA LEU A 188 7.51 7.85 -1.86
C LEU A 188 6.22 8.15 -2.63
N GLY A 189 5.13 7.50 -2.22
CA GLY A 189 3.81 7.64 -2.84
C GLY A 189 3.30 9.05 -2.97
N ASP A 190 2.65 9.35 -4.11
CA ASP A 190 2.06 10.65 -4.46
C ASP A 190 1.02 11.04 -3.39
N LYS A 191 0.22 10.05 -2.98
CA LYS A 191 -0.79 10.14 -1.92
C LYS A 191 -0.81 8.77 -1.26
N VAL A 192 -0.21 8.67 -0.06
CA VAL A 192 -0.09 7.39 0.66
C VAL A 192 -0.36 7.50 2.17
N PHE A 193 -0.19 8.70 2.76
CA PHE A 193 -0.41 8.95 4.18
C PHE A 193 -1.76 9.61 4.47
N PHE A 194 -2.35 10.31 3.46
CA PHE A 194 -3.62 11.03 3.53
C PHE A 194 -4.79 10.20 4.08
N ASN A 195 -4.91 8.93 3.68
CA ASN A 195 -5.97 8.03 4.13
C ASN A 195 -5.77 7.51 5.56
N LEU A 196 -4.51 7.52 6.06
CA LEU A 196 -4.18 7.05 7.41
C LEU A 196 -4.61 8.13 8.44
N VAL A 197 -5.91 8.14 8.79
CA VAL A 197 -6.51 9.10 9.72
C VAL A 197 -6.09 8.97 11.18
N ASN A 198 -5.90 7.73 11.66
CA ASN A 198 -5.50 7.44 13.05
C ASN A 198 -3.98 7.48 13.29
N LEU A 199 -3.19 7.83 12.25
CA LEU A 199 -1.73 7.92 12.31
C LEU A 199 -1.29 9.03 13.26
N THR A 200 -0.48 8.69 14.29
CA THR A 200 0.01 9.60 15.31
C THR A 200 1.51 9.87 15.16
N GLU A 201 2.32 8.83 14.91
CA GLU A 201 3.77 8.96 14.76
C GLU A 201 4.26 8.46 13.40
N LEU A 202 5.10 9.26 12.73
CA LEU A 202 5.71 8.94 11.45
C LEU A 202 7.20 9.28 11.46
N SER A 203 8.05 8.29 11.13
CA SER A 203 9.49 8.44 11.11
C SER A 203 10.09 8.11 9.75
N LEU A 204 10.84 9.07 9.17
CA LEU A 204 11.51 8.95 7.88
C LEU A 204 12.98 9.37 7.99
N VAL A 205 13.64 8.96 9.11
CA VAL A 205 15.03 9.24 9.44
C VAL A 205 16.00 8.50 8.50
N ARG A 206 17.05 9.20 8.02
CA ARG A 206 18.11 8.68 7.16
C ARG A 206 17.60 8.10 5.81
N ASN A 207 17.05 8.98 4.96
CA ASN A 207 16.52 8.64 3.63
C ASN A 207 17.06 9.59 2.55
N SER A 208 16.84 9.24 1.27
CA SER A 208 17.31 10.02 0.12
C SER A 208 16.28 11.08 -0.37
N LEU A 209 15.38 11.54 0.53
CA LEU A 209 14.35 12.54 0.24
C LEU A 209 14.97 13.91 -0.07
N THR A 210 14.58 14.51 -1.21
CA THR A 210 15.07 15.81 -1.68
C THR A 210 14.22 17.00 -1.23
N ALA A 211 12.94 16.73 -0.85
CA ALA A 211 11.99 17.75 -0.41
C ALA A 211 10.96 17.17 0.58
N ALA A 212 10.31 18.04 1.37
CA ALA A 212 9.29 17.65 2.35
C ALA A 212 8.00 17.20 1.64
N PRO A 213 7.37 16.07 2.06
CA PRO A 213 6.15 15.61 1.37
C PRO A 213 4.88 16.35 1.78
N VAL A 214 3.89 16.37 0.87
CA VAL A 214 2.57 17.00 1.07
C VAL A 214 1.48 15.96 1.34
N ASN A 215 0.21 16.42 1.53
CA ASN A 215 -0.98 15.59 1.82
C ASN A 215 -0.85 14.75 3.10
N LEU A 216 -0.16 15.28 4.11
CA LEU A 216 0.04 14.62 5.40
C LEU A 216 -1.21 14.72 6.28
N PRO A 217 -1.59 13.65 7.03
CA PRO A 217 -2.80 13.75 7.87
C PRO A 217 -2.56 14.58 9.14
N GLY A 218 -3.36 15.61 9.32
CA GLY A 218 -3.27 16.50 10.48
C GLY A 218 -4.37 16.26 11.50
N THR A 219 -5.00 15.07 11.46
CA THR A 219 -6.10 14.67 12.34
C THR A 219 -5.60 14.10 13.67
N SER A 220 -4.57 13.23 13.63
CA SER A 220 -4.01 12.59 14.81
C SER A 220 -2.48 12.66 14.94
N LEU A 221 -1.78 13.03 13.85
CA LEU A 221 -0.32 13.13 13.81
C LEU A 221 0.25 14.17 14.78
N ARG A 222 1.16 13.72 15.67
CA ARG A 222 1.80 14.53 16.70
C ARG A 222 3.32 14.62 16.47
N LYS A 223 3.94 13.53 16.01
CA LYS A 223 5.39 13.47 15.77
C LYS A 223 5.72 13.15 14.32
N LEU A 224 6.52 14.02 13.68
CA LEU A 224 6.98 13.86 12.30
C LEU A 224 8.51 13.97 12.27
N TYR A 225 9.18 12.86 11.87
CA TYR A 225 10.63 12.79 11.82
C TYR A 225 11.16 12.79 10.38
N LEU A 226 12.01 13.77 10.05
CA LEU A 226 12.64 13.94 8.73
C LEU A 226 14.15 14.16 8.91
N GLN A 227 14.74 13.52 9.94
CA GLN A 227 16.15 13.60 10.31
C GLN A 227 17.09 12.93 9.29
N ASP A 228 18.34 13.44 9.20
CA ASP A 228 19.41 12.95 8.31
C ASP A 228 19.01 12.78 6.83
N ASN A 229 18.24 13.76 6.31
CA ASN A 229 17.76 13.77 4.92
C ASN A 229 18.44 14.87 4.09
N HIS A 230 18.18 14.89 2.77
CA HIS A 230 18.75 15.87 1.85
C HIS A 230 17.68 16.86 1.35
N ILE A 231 16.79 17.30 2.27
CA ILE A 231 15.70 18.24 1.98
C ILE A 231 16.24 19.65 1.73
N ASN A 232 16.10 20.14 0.49
CA ASN A 232 16.57 21.46 0.05
C ASN A 232 15.52 22.55 0.25
N ARG A 233 14.26 22.30 -0.19
CA ARG A 233 13.15 23.24 -0.07
C ARG A 233 11.89 22.60 0.46
N VAL A 234 11.15 23.35 1.30
CA VAL A 234 9.89 22.92 1.91
C VAL A 234 8.72 23.77 1.38
N PRO A 235 7.67 23.15 0.79
CA PRO A 235 6.52 23.96 0.30
C PRO A 235 5.60 24.40 1.45
N PRO A 236 4.79 25.48 1.30
CA PRO A 236 3.91 25.91 2.42
C PRO A 236 2.78 24.93 2.73
N ASN A 237 2.42 24.05 1.78
CA ASN A 237 1.36 23.06 1.92
C ASN A 237 1.80 21.80 2.69
N ALA A 238 3.13 21.63 2.89
CA ALA A 238 3.73 20.48 3.60
C ALA A 238 3.38 20.45 5.09
N PHE A 239 3.52 21.59 5.80
CA PHE A 239 3.21 21.69 7.22
C PHE A 239 1.80 22.19 7.48
N SER A 240 1.08 22.60 6.41
CA SER A 240 -0.29 23.11 6.49
C SER A 240 -1.27 22.00 6.85
N TYR A 241 -2.27 22.36 7.69
CA TYR A 241 -3.36 21.52 8.23
C TYR A 241 -2.95 20.63 9.41
N LEU A 242 -1.64 20.55 9.72
CA LEU A 242 -1.08 19.77 10.83
C LEU A 242 -1.25 20.53 12.16
N ARG A 243 -2.53 20.82 12.52
CA ARG A 243 -2.95 21.55 13.71
C ARG A 243 -2.78 20.76 15.01
N GLN A 244 -2.50 19.44 14.92
CA GLN A 244 -2.33 18.55 16.07
C GLN A 244 -0.86 18.11 16.28
N LEU A 245 0.06 18.56 15.39
CA LEU A 245 1.48 18.21 15.46
C LEU A 245 2.16 18.86 16.67
N TYR A 246 2.74 18.02 17.54
CA TYR A 246 3.41 18.40 18.79
C TYR A 246 4.93 18.55 18.59
N ARG A 247 5.56 17.59 17.87
CA ARG A 247 7.01 17.57 17.63
C ARG A 247 7.33 17.51 16.13
N LEU A 248 8.33 18.32 15.71
CA LEU A 248 8.83 18.36 14.33
C LEU A 248 10.37 18.38 14.34
N ASP A 249 10.97 17.23 13.98
CA ASP A 249 12.43 17.07 13.94
C ASP A 249 12.93 17.02 12.50
N MET A 250 13.79 17.99 12.14
CA MET A 250 14.38 18.11 10.80
C MET A 250 15.90 18.35 10.88
N SER A 251 16.58 17.61 11.79
CA SER A 251 18.03 17.71 11.99
C SER A 251 18.81 17.10 10.83
N ASN A 252 19.96 17.73 10.47
CA ASN A 252 20.87 17.33 9.39
C ASN A 252 20.20 17.33 8.01
N ASN A 253 19.79 18.53 7.54
CA ASN A 253 19.15 18.74 6.23
C ASN A 253 19.83 19.89 5.46
N ASN A 254 19.57 19.97 4.14
CA ASN A 254 20.15 20.97 3.24
C ASN A 254 19.30 22.24 3.04
N LEU A 255 18.49 22.61 4.05
CA LEU A 255 17.63 23.80 3.99
C LEU A 255 18.41 25.10 4.20
N SER A 256 18.13 26.11 3.36
CA SER A 256 18.79 27.41 3.39
C SER A 256 17.84 28.57 3.71
N ASN A 257 16.63 28.56 3.11
CA ASN A 257 15.62 29.60 3.31
C ASN A 257 14.19 29.04 3.40
N LEU A 258 13.37 29.65 4.27
CA LEU A 258 11.97 29.26 4.48
C LEU A 258 11.01 30.30 3.89
N PRO A 259 9.96 29.87 3.14
CA PRO A 259 9.01 30.84 2.57
C PRO A 259 8.05 31.41 3.62
N GLN A 260 7.53 32.62 3.38
CA GLN A 260 6.61 33.34 4.27
C GLN A 260 5.30 32.58 4.50
N GLY A 261 4.94 32.40 5.77
CA GLY A 261 3.74 31.70 6.19
C GLY A 261 3.83 30.20 6.02
N ILE A 262 4.72 29.56 6.81
CA ILE A 262 4.94 28.11 6.78
C ILE A 262 4.58 27.41 8.09
N PHE A 263 4.87 28.04 9.25
CA PHE A 263 4.57 27.49 10.57
C PHE A 263 3.29 28.11 11.19
N ASP A 264 2.52 28.86 10.38
CA ASP A 264 1.28 29.54 10.78
C ASP A 264 0.14 28.58 11.13
N ASP A 265 -0.03 27.48 10.34
CA ASP A 265 -1.06 26.48 10.55
C ASP A 265 -0.81 25.59 11.78
N LEU A 266 0.46 25.46 12.20
CA LEU A 266 0.85 24.66 13.38
C LEU A 266 0.45 25.40 14.66
N ASP A 267 -0.60 24.89 15.35
CA ASP A 267 -1.13 25.49 16.57
C ASP A 267 -0.70 24.75 17.84
N ASN A 268 -0.68 23.40 17.81
CA ASN A 268 -0.28 22.57 18.94
C ASN A 268 1.24 22.30 18.98
N ILE A 269 2.02 23.04 18.15
CA ILE A 269 3.48 22.93 18.07
C ILE A 269 4.18 23.33 19.37
N THR A 270 5.14 22.50 19.81
CA THR A 270 5.92 22.70 21.03
C THR A 270 7.43 22.56 20.73
N GLN A 271 7.79 21.59 19.88
CA GLN A 271 9.17 21.32 19.48
C GLN A 271 9.37 21.53 17.98
N LEU A 272 10.33 22.39 17.61
CA LEU A 272 10.66 22.71 16.22
C LEU A 272 12.18 22.60 16.02
N ILE A 273 12.68 21.35 15.94
CA ILE A 273 14.09 21.05 15.77
C ILE A 273 14.51 21.17 14.30
N LEU A 274 15.49 22.06 14.03
CA LEU A 274 16.04 22.31 12.70
C LEU A 274 17.59 22.46 12.77
N ARG A 275 18.24 21.52 13.48
CA ARG A 275 19.69 21.47 13.68
C ARG A 275 20.43 21.06 12.42
N ASN A 276 21.73 21.45 12.31
CA ASN A 276 22.64 21.15 11.21
C ASN A 276 22.06 21.51 9.82
N ASN A 277 21.75 22.79 9.62
CA ASN A 277 21.20 23.33 8.38
C ASN A 277 21.97 24.57 7.93
N PRO A 278 22.43 24.66 6.66
CA PRO A 278 23.16 25.87 6.23
C PRO A 278 22.19 27.00 5.86
N TRP A 279 21.65 27.67 6.90
CA TRP A 279 20.69 28.77 6.75
C TRP A 279 21.34 30.03 6.18
N TYR A 280 20.69 30.63 5.17
CA TYR A 280 21.13 31.88 4.54
C TYR A 280 20.33 33.02 5.15
N CYS A 281 20.99 33.85 5.98
CA CYS A 281 20.36 34.99 6.64
C CYS A 281 20.55 36.28 5.84
N GLY A 282 19.57 36.56 4.98
CA GLY A 282 19.56 37.72 4.10
C GLY A 282 18.45 38.69 4.40
N CYS A 283 17.63 39.01 3.38
CA CYS A 283 16.51 39.95 3.48
C CYS A 283 15.14 39.28 3.30
N LYS A 284 15.05 38.28 2.40
CA LYS A 284 13.81 37.55 2.10
C LYS A 284 13.26 36.71 3.26
N MET A 285 14.14 36.24 4.16
CA MET A 285 13.75 35.42 5.32
C MET A 285 13.78 36.20 6.66
N LYS A 286 13.56 37.53 6.59
CA LYS A 286 13.53 38.43 7.76
C LYS A 286 12.26 38.26 8.61
N TRP A 287 11.23 37.56 8.08
CA TRP A 287 9.96 37.29 8.76
C TRP A 287 10.11 36.37 9.98
N VAL A 288 11.16 35.51 9.98
CA VAL A 288 11.48 34.55 11.05
C VAL A 288 11.86 35.28 12.34
N ARG A 289 12.56 36.43 12.21
CA ARG A 289 12.99 37.30 13.31
C ARG A 289 11.79 37.81 14.14
N ASP A 290 10.74 38.30 13.45
CA ASP A 290 9.52 38.82 14.06
C ASP A 290 8.65 37.69 14.61
N TRP A 291 8.71 36.50 13.98
CA TRP A 291 7.95 35.30 14.35
C TRP A 291 8.43 34.69 15.67
N LEU A 292 9.75 34.58 15.86
CA LEU A 292 10.39 33.99 17.05
C LEU A 292 10.19 34.80 18.34
N GLN A 293 10.00 36.12 18.22
CA GLN A 293 9.82 37.02 19.37
C GLN A 293 8.36 37.22 19.79
N SER A 294 7.39 36.75 18.97
CA SER A 294 5.96 36.89 19.22
C SER A 294 5.34 35.75 20.04
N LEU A 295 5.57 34.48 19.65
CA LEU A 295 5.01 33.30 20.30
C LEU A 295 6.03 32.36 21.02
N PRO A 296 7.15 31.90 20.39
CA PRO A 296 8.05 30.96 21.08
C PRO A 296 8.57 31.32 22.48
N VAL A 297 7.82 30.84 23.49
CA VAL A 297 8.09 30.97 24.94
C VAL A 297 8.00 29.53 25.48
N LYS A 298 6.83 28.89 25.27
CA LYS A 298 6.57 27.49 25.63
C LYS A 298 7.07 26.63 24.46
N VAL A 299 7.02 27.19 23.24
CA VAL A 299 7.48 26.57 21.99
C VAL A 299 9.00 26.80 21.88
N ASN A 300 9.76 25.73 21.62
CA ASN A 300 11.22 25.81 21.50
C ASN A 300 11.73 25.47 20.10
N VAL A 301 12.49 26.41 19.50
CA VAL A 301 13.10 26.25 18.18
C VAL A 301 14.62 26.13 18.40
N ARG A 302 15.18 24.96 18.10
CA ARG A 302 16.61 24.69 18.31
C ARG A 302 17.37 24.39 17.02
N GLY A 303 18.62 24.85 16.96
CA GLY A 303 19.51 24.68 15.82
C GLY A 303 19.26 25.64 14.67
N LEU A 304 18.44 26.68 14.91
CA LEU A 304 18.10 27.70 13.92
C LEU A 304 19.09 28.88 14.01
N MET A 305 20.33 28.64 13.55
CA MET A 305 21.41 29.63 13.55
C MET A 305 21.95 29.90 12.14
N CYS A 306 22.46 31.11 11.91
CA CYS A 306 23.01 31.56 10.63
C CYS A 306 24.32 30.86 10.27
N GLN A 307 24.47 30.44 9.00
CA GLN A 307 25.66 29.80 8.47
C GLN A 307 26.23 30.57 7.27
N ALA A 308 25.38 31.40 6.62
CA ALA A 308 25.73 32.26 5.49
C ALA A 308 25.02 33.62 5.64
N PRO A 309 25.71 34.79 5.59
CA PRO A 309 27.15 35.01 5.36
C PRO A 309 28.06 34.60 6.54
N GLU A 310 29.39 34.65 6.29
CA GLU A 310 30.45 34.30 7.25
C GLU A 310 30.51 35.26 8.44
N LYS A 311 30.16 36.55 8.21
CA LYS A 311 30.18 37.63 9.19
C LYS A 311 29.23 37.39 10.38
N VAL A 312 27.99 36.95 10.08
CA VAL A 312 26.95 36.68 11.10
C VAL A 312 26.78 35.19 11.45
N ARG A 313 27.81 34.37 11.15
CA ARG A 313 27.83 32.93 11.40
C ARG A 313 27.92 32.59 12.89
N GLY A 314 27.10 31.63 13.33
CA GLY A 314 27.05 31.18 14.72
C GLY A 314 26.12 31.95 15.62
N MET A 315 25.29 32.85 15.04
CA MET A 315 24.34 33.68 15.78
C MET A 315 22.89 33.38 15.40
N ALA A 316 21.98 33.49 16.39
CA ALA A 316 20.54 33.24 16.23
C ALA A 316 19.85 34.36 15.45
N ILE A 317 18.83 33.98 14.64
CA ILE A 317 18.04 34.90 13.81
C ILE A 317 17.18 35.84 14.69
N LYS A 318 16.67 35.32 15.83
CA LYS A 318 15.85 36.05 16.80
C LYS A 318 16.54 37.24 17.46
N ASP A 319 17.88 37.17 17.63
CA ASP A 319 18.68 38.23 18.25
C ASP A 319 19.19 39.27 17.25
N LEU A 320 19.44 38.86 15.98
CA LEU A 320 19.92 39.73 14.91
C LEU A 320 18.87 40.73 14.43
N SER A 321 19.33 41.91 13.96
CA SER A 321 18.49 42.99 13.45
C SER A 321 19.22 43.82 12.40
N ALA A 322 18.52 44.22 11.33
CA ALA A 322 19.07 45.04 10.24
C ALA A 322 18.25 46.30 10.03
N SER B 2 22.73 27.78 -17.79
CA SER B 2 21.84 26.84 -18.46
C SER B 2 20.66 26.42 -17.57
N CYS B 3 20.94 26.12 -16.28
CA CYS B 3 19.97 25.72 -15.27
C CYS B 3 19.05 26.90 -14.89
N PRO B 4 17.74 26.69 -14.55
CA PRO B 4 16.88 27.84 -14.20
C PRO B 4 17.28 28.61 -12.93
N SER B 5 16.67 29.79 -12.73
CA SER B 5 16.94 30.67 -11.59
C SER B 5 16.46 30.10 -10.25
N VAL B 6 15.19 29.66 -10.18
CA VAL B 6 14.58 29.10 -8.96
C VAL B 6 14.70 27.58 -8.86
N CYS B 7 15.01 26.91 -9.98
CA CYS B 7 15.14 25.44 -10.07
C CYS B 7 16.60 24.96 -10.12
N ARG B 8 16.85 23.75 -9.60
CA ARG B 8 18.17 23.11 -9.57
C ARG B 8 18.20 21.82 -10.40
N CYS B 9 19.28 21.61 -11.16
CA CYS B 9 19.48 20.45 -12.03
C CYS B 9 20.81 19.74 -11.77
N ASP B 10 20.79 18.39 -11.79
CA ASP B 10 21.97 17.54 -11.57
C ASP B 10 21.82 16.19 -12.26
N ALA B 11 22.84 15.81 -13.08
CA ALA B 11 22.94 14.55 -13.84
C ALA B 11 21.72 14.22 -14.73
N GLY B 12 21.14 15.26 -15.34
CA GLY B 12 19.98 15.14 -16.21
C GLY B 12 18.66 15.31 -15.45
N PHE B 13 18.65 14.91 -14.17
CA PHE B 13 17.51 14.99 -13.26
C PHE B 13 17.32 16.46 -12.84
N ILE B 14 16.24 17.10 -13.34
CA ILE B 14 15.92 18.49 -13.05
C ILE B 14 14.88 18.56 -11.93
N TYR B 15 15.30 19.00 -10.73
CA TYR B 15 14.47 19.07 -9.53
C TYR B 15 13.78 20.43 -9.33
N CYS B 16 12.62 20.64 -9.99
CA CYS B 16 11.83 21.88 -9.86
C CYS B 16 10.66 21.64 -8.88
N ASN B 17 10.59 20.42 -8.30
CA ASN B 17 9.57 19.97 -7.36
C ASN B 17 9.62 20.70 -6.02
N ASP B 18 8.43 20.98 -5.45
CA ASP B 18 8.20 21.66 -4.16
C ASP B 18 8.86 23.05 -4.11
N ARG B 19 8.46 23.93 -5.05
CA ARG B 19 8.99 25.29 -5.19
C ARG B 19 7.91 26.37 -5.40
N SER B 20 6.61 25.97 -5.37
CA SER B 20 5.42 26.81 -5.53
C SER B 20 5.36 27.61 -6.85
N LEU B 21 5.89 27.03 -7.94
CA LEU B 21 5.89 27.66 -9.26
C LEU B 21 4.50 27.58 -9.90
N THR B 22 4.14 28.61 -10.68
CA THR B 22 2.85 28.70 -11.38
C THR B 22 3.01 28.33 -12.86
N SER B 23 4.23 28.52 -13.42
CA SER B 23 4.57 28.22 -14.81
C SER B 23 5.90 27.46 -14.90
N ILE B 24 6.01 26.52 -15.86
CA ILE B 24 7.24 25.74 -16.11
C ILE B 24 8.31 26.68 -16.70
N PRO B 25 9.55 26.72 -16.15
CA PRO B 25 10.58 27.65 -16.68
C PRO B 25 10.95 27.44 -18.14
N VAL B 26 11.40 28.51 -18.80
CA VAL B 26 11.81 28.53 -20.21
C VAL B 26 13.16 27.82 -20.42
N GLY B 27 14.17 28.23 -19.65
CA GLY B 27 15.53 27.71 -19.75
C GLY B 27 15.73 26.34 -19.15
N ILE B 28 15.42 25.29 -19.94
CA ILE B 28 15.61 23.88 -19.56
C ILE B 28 16.76 23.31 -20.41
N PRO B 29 17.76 22.59 -19.80
CA PRO B 29 18.88 22.05 -20.59
C PRO B 29 18.48 21.05 -21.67
N GLU B 30 19.27 21.03 -22.79
CA GLU B 30 19.09 20.18 -23.97
C GLU B 30 19.02 18.68 -23.64
N ASP B 31 19.89 18.22 -22.72
CA ASP B 31 19.95 16.82 -22.29
C ASP B 31 19.30 16.65 -20.92
N ALA B 32 18.33 15.72 -20.82
CA ALA B 32 17.58 15.41 -19.60
C ALA B 32 17.03 13.99 -19.63
N THR B 33 16.95 13.34 -18.46
CA THR B 33 16.43 11.99 -18.33
C THR B 33 15.10 12.01 -17.56
N THR B 34 15.05 12.75 -16.43
CA THR B 34 13.88 12.88 -15.58
C THR B 34 13.59 14.35 -15.29
N LEU B 35 12.31 14.77 -15.43
CA LEU B 35 11.86 16.13 -15.19
C LEU B 35 10.85 16.18 -14.04
N TYR B 36 11.23 16.81 -12.92
CA TYR B 36 10.37 16.94 -11.73
C TYR B 36 9.68 18.29 -11.71
N LEU B 37 8.34 18.28 -11.64
CA LEU B 37 7.49 19.48 -11.59
C LEU B 37 6.35 19.26 -10.57
N GLN B 38 6.43 18.14 -9.83
CA GLN B 38 5.47 17.70 -8.81
C GLN B 38 5.38 18.57 -7.55
N ASN B 39 4.22 18.51 -6.85
CA ASN B 39 3.90 19.24 -5.62
C ASN B 39 4.00 20.77 -5.74
N ASN B 40 3.59 21.32 -6.91
CA ASN B 40 3.61 22.75 -7.20
C ASN B 40 2.21 23.30 -7.56
N GLN B 41 2.14 24.57 -8.00
CA GLN B 41 0.89 25.23 -8.38
C GLN B 41 0.82 25.49 -9.89
N ILE B 42 1.51 24.63 -10.69
CA ILE B 42 1.60 24.72 -12.16
C ILE B 42 0.25 24.44 -12.83
N ASN B 43 -0.25 25.42 -13.59
CA ASN B 43 -1.50 25.36 -14.35
C ASN B 43 -1.26 24.95 -15.82
N ASN B 44 -2.36 24.71 -16.57
CA ASN B 44 -2.32 24.30 -17.98
C ASN B 44 -1.77 25.38 -18.92
N VAL B 45 -2.07 26.66 -18.64
CA VAL B 45 -1.60 27.80 -19.45
C VAL B 45 -0.13 28.17 -19.22
N GLY B 46 0.43 27.71 -18.10
CA GLY B 46 1.82 27.97 -17.70
C GLY B 46 2.88 27.20 -18.46
N ILE B 47 2.47 26.23 -19.30
CA ILE B 47 3.38 25.40 -20.11
C ILE B 47 3.98 26.24 -21.26
N PRO B 48 5.33 26.31 -21.38
CA PRO B 48 5.91 27.11 -22.48
C PRO B 48 5.90 26.40 -23.83
N SER B 49 6.15 27.17 -24.91
CA SER B 49 6.18 26.69 -26.30
C SER B 49 7.41 25.83 -26.59
N ASP B 50 8.55 26.10 -25.90
CA ASP B 50 9.81 25.38 -26.08
C ASP B 50 9.97 24.17 -25.12
N LEU B 51 8.90 23.37 -24.97
CA LEU B 51 8.89 22.16 -24.14
C LEU B 51 8.89 20.92 -25.03
N LYS B 52 8.23 21.00 -26.20
CA LYS B 52 8.13 19.93 -27.20
C LYS B 52 9.47 19.66 -27.91
N ASN B 53 10.39 20.65 -27.87
CA ASN B 53 11.73 20.58 -28.47
C ASN B 53 12.63 19.54 -27.78
N LEU B 54 12.32 19.21 -26.50
CA LEU B 54 13.04 18.22 -25.70
C LEU B 54 12.83 16.82 -26.26
N LEU B 55 13.92 16.12 -26.61
CA LEU B 55 13.89 14.79 -27.21
C LEU B 55 14.39 13.68 -26.26
N LYS B 56 15.48 13.96 -25.52
CA LYS B 56 16.12 13.01 -24.60
C LYS B 56 15.30 12.63 -23.36
N VAL B 57 14.30 13.46 -22.98
CA VAL B 57 13.41 13.26 -21.82
C VAL B 57 12.62 11.94 -21.98
N GLN B 58 12.40 11.22 -20.86
CA GLN B 58 11.65 9.96 -20.86
C GLN B 58 10.56 9.89 -19.78
N ARG B 59 10.82 10.45 -18.59
CA ARG B 59 9.86 10.44 -17.48
C ARG B 59 9.65 11.82 -16.83
N ILE B 60 8.37 12.24 -16.72
CA ILE B 60 7.98 13.53 -16.13
C ILE B 60 6.99 13.31 -14.97
N TYR B 61 7.27 13.95 -13.82
CA TYR B 61 6.43 13.88 -12.62
C TYR B 61 5.70 15.22 -12.42
N LEU B 62 4.44 15.29 -12.90
CA LEU B 62 3.59 16.48 -12.84
C LEU B 62 2.42 16.33 -11.83
N TYR B 63 2.56 15.41 -10.85
CA TYR B 63 1.52 15.17 -9.85
C TYR B 63 1.38 16.27 -8.80
N HIS B 64 0.13 16.47 -8.31
CA HIS B 64 -0.26 17.49 -7.32
C HIS B 64 0.02 18.91 -7.82
N ASN B 65 -0.66 19.30 -8.92
CA ASN B 65 -0.55 20.61 -9.57
C ASN B 65 -1.92 21.25 -9.84
N SER B 66 -1.94 22.42 -10.51
CA SER B 66 -3.15 23.17 -10.83
C SER B 66 -3.63 22.99 -12.29
N LEU B 67 -3.37 21.80 -12.88
CA LEU B 67 -3.78 21.47 -14.25
C LEU B 67 -5.29 21.26 -14.34
N ASP B 68 -5.94 21.91 -15.33
CA ASP B 68 -7.40 21.85 -15.53
C ASP B 68 -7.83 20.88 -16.63
N GLU B 69 -7.00 20.72 -17.68
CA GLU B 69 -7.24 19.81 -18.80
C GLU B 69 -5.96 19.01 -19.11
N PHE B 70 -5.96 18.20 -20.20
CA PHE B 70 -4.78 17.43 -20.58
C PHE B 70 -3.67 18.37 -21.08
N PRO B 71 -2.42 18.23 -20.57
CA PRO B 71 -1.35 19.16 -20.98
C PRO B 71 -1.00 19.20 -22.46
N THR B 72 -0.80 20.41 -22.98
CA THR B 72 -0.44 20.69 -24.38
C THR B 72 1.05 21.03 -24.49
N ASN B 73 1.62 20.88 -25.71
CA ASN B 73 3.02 21.13 -26.05
C ASN B 73 4.04 20.29 -25.25
N LEU B 74 3.65 19.05 -24.87
CA LEU B 74 4.48 18.10 -24.13
C LEU B 74 5.64 17.56 -24.99
N PRO B 75 6.77 17.08 -24.40
CA PRO B 75 7.88 16.57 -25.23
C PRO B 75 7.53 15.43 -26.18
N LYS B 76 8.31 15.31 -27.28
CA LYS B 76 8.15 14.31 -28.34
C LYS B 76 8.26 12.86 -27.85
N TYR B 77 9.01 12.62 -26.76
CA TYR B 77 9.20 11.29 -26.19
C TYR B 77 8.91 11.32 -24.69
N VAL B 78 7.80 10.68 -24.26
CA VAL B 78 7.39 10.61 -22.85
C VAL B 78 6.97 9.16 -22.52
N LYS B 79 7.90 8.34 -22.02
CA LYS B 79 7.64 6.95 -21.64
C LYS B 79 6.73 6.86 -20.41
N GLU B 80 7.09 7.58 -19.33
CA GLU B 80 6.32 7.63 -18.09
C GLU B 80 5.77 9.03 -17.84
N LEU B 81 4.44 9.14 -17.64
CA LEU B 81 3.79 10.43 -17.38
C LEU B 81 2.84 10.34 -16.20
N HIS B 82 3.14 11.10 -15.13
CA HIS B 82 2.36 11.15 -13.89
C HIS B 82 1.54 12.43 -13.82
N LEU B 83 0.20 12.30 -13.84
CA LEU B 83 -0.74 13.43 -13.80
C LEU B 83 -1.85 13.19 -12.76
N GLN B 84 -1.48 13.04 -11.48
CA GLN B 84 -2.45 12.82 -10.39
C GLN B 84 -2.60 13.99 -9.42
N GLU B 85 -3.66 13.97 -8.58
CA GLU B 85 -4.00 14.98 -7.57
C GLU B 85 -4.31 16.39 -8.13
N ASN B 86 -4.58 16.48 -9.46
CA ASN B 86 -4.93 17.71 -10.17
C ASN B 86 -6.38 17.66 -10.67
N ASN B 87 -6.94 18.82 -11.05
CA ASN B 87 -8.34 18.90 -11.50
C ASN B 87 -8.52 18.76 -13.02
N ILE B 88 -7.97 17.67 -13.60
CA ILE B 88 -8.08 17.37 -15.03
C ILE B 88 -9.47 16.81 -15.32
N ARG B 89 -10.22 17.46 -16.22
CA ARG B 89 -11.59 17.07 -16.57
C ARG B 89 -11.69 16.57 -18.01
N THR B 90 -11.33 17.44 -18.99
CA THR B 90 -11.41 17.15 -20.41
C THR B 90 -10.10 16.58 -20.97
N ILE B 91 -10.18 15.37 -21.56
CA ILE B 91 -9.06 14.69 -22.22
C ILE B 91 -9.48 14.47 -23.67
N THR B 92 -8.94 15.32 -24.57
CA THR B 92 -9.24 15.29 -26.00
C THR B 92 -8.19 14.54 -26.82
N TYR B 93 -8.50 14.28 -28.10
CA TYR B 93 -7.63 13.57 -29.06
C TYR B 93 -6.34 14.34 -29.36
N ASP B 94 -6.43 15.68 -29.52
CA ASP B 94 -5.30 16.58 -29.82
C ASP B 94 -4.13 16.51 -28.84
N SER B 95 -4.41 16.68 -27.53
CA SER B 95 -3.41 16.66 -26.46
C SER B 95 -2.78 15.29 -26.25
N LEU B 96 -3.57 14.20 -26.43
CA LEU B 96 -3.14 12.82 -26.27
C LEU B 96 -2.32 12.31 -27.46
N SER B 97 -2.73 12.65 -28.71
CA SER B 97 -2.03 12.25 -29.93
C SER B 97 -0.73 13.04 -30.14
N LYS B 98 -0.59 14.20 -29.45
CA LYS B 98 0.60 15.06 -29.49
C LYS B 98 1.82 14.36 -28.89
N ILE B 99 1.58 13.34 -28.03
CA ILE B 99 2.60 12.51 -27.41
C ILE B 99 2.57 11.17 -28.18
N PRO B 100 3.46 10.96 -29.18
CA PRO B 100 3.41 9.71 -29.97
C PRO B 100 3.80 8.45 -29.19
N TYR B 101 4.82 8.54 -28.33
CA TYR B 101 5.30 7.44 -27.50
C TYR B 101 4.86 7.67 -26.06
N LEU B 102 4.09 6.71 -25.49
CA LEU B 102 3.57 6.77 -24.13
C LEU B 102 3.32 5.35 -23.60
N GLU B 103 4.17 4.89 -22.66
CA GLU B 103 4.07 3.55 -22.07
C GLU B 103 3.04 3.51 -20.93
N GLU B 104 3.12 4.45 -19.98
CA GLU B 104 2.21 4.53 -18.84
C GLU B 104 1.63 5.93 -18.58
N LEU B 105 0.39 5.99 -18.08
CA LEU B 105 -0.31 7.24 -17.77
C LEU B 105 -1.08 7.13 -16.45
N HIS B 106 -0.91 8.13 -15.57
CA HIS B 106 -1.55 8.20 -14.25
C HIS B 106 -2.57 9.34 -14.22
N LEU B 107 -3.82 9.04 -13.81
CA LEU B 107 -4.92 10.00 -13.70
C LEU B 107 -5.73 9.77 -12.41
N ASP B 108 -5.04 9.71 -11.26
CA ASP B 108 -5.66 9.49 -9.95
C ASP B 108 -6.14 10.79 -9.31
N ASP B 109 -7.29 10.76 -8.61
CA ASP B 109 -7.93 11.91 -7.94
C ASP B 109 -8.21 13.10 -8.88
N ASN B 110 -8.69 12.80 -10.10
CA ASN B 110 -9.04 13.79 -11.13
C ASN B 110 -10.55 13.85 -11.34
N SER B 111 -11.04 14.92 -12.00
CA SER B 111 -12.47 15.11 -12.30
C SER B 111 -12.82 14.63 -13.73
N VAL B 112 -12.25 13.48 -14.14
CA VAL B 112 -12.47 12.88 -15.46
C VAL B 112 -13.80 12.12 -15.47
N SER B 113 -14.68 12.45 -16.44
CA SER B 113 -15.99 11.82 -16.62
C SER B 113 -16.09 11.12 -17.98
N ALA B 114 -17.10 10.24 -18.13
CA ALA B 114 -17.36 9.46 -19.36
C ALA B 114 -17.69 10.34 -20.58
N VAL B 115 -18.39 11.46 -20.37
CA VAL B 115 -18.80 12.40 -21.43
C VAL B 115 -17.68 13.36 -21.86
N SER B 116 -16.79 13.74 -20.92
CA SER B 116 -15.67 14.66 -21.15
C SER B 116 -14.61 14.07 -22.09
N ILE B 117 -14.33 12.76 -21.99
CA ILE B 117 -13.35 12.06 -22.81
C ILE B 117 -13.85 11.88 -24.27
N GLU B 118 -12.97 12.15 -25.25
CA GLU B 118 -13.27 12.05 -26.67
C GLU B 118 -13.46 10.59 -27.11
N GLU B 119 -14.45 10.34 -27.98
CA GLU B 119 -14.78 9.02 -28.52
C GLU B 119 -13.66 8.52 -29.43
N GLY B 120 -12.93 7.51 -28.96
CA GLY B 120 -11.80 6.92 -29.67
C GLY B 120 -10.57 7.81 -29.67
N ALA B 121 -10.16 8.27 -28.47
CA ALA B 121 -9.00 9.14 -28.27
C ALA B 121 -7.71 8.36 -28.01
N PHE B 122 -7.80 7.29 -27.19
CA PHE B 122 -6.68 6.43 -26.82
C PHE B 122 -6.29 5.41 -27.91
N ARG B 123 -7.13 5.27 -28.95
CA ARG B 123 -6.92 4.34 -30.07
C ARG B 123 -5.71 4.67 -30.96
N ASP B 124 -5.27 5.94 -30.98
CA ASP B 124 -4.13 6.39 -31.77
C ASP B 124 -2.79 5.88 -31.21
N SER B 125 -2.55 6.10 -29.90
CA SER B 125 -1.34 5.66 -29.21
C SER B 125 -1.46 4.18 -28.81
N ASN B 126 -0.71 3.31 -29.53
CA ASN B 126 -0.71 1.86 -29.29
C ASN B 126 0.50 1.39 -28.47
N TYR B 127 1.08 2.29 -27.66
CA TYR B 127 2.23 2.01 -26.81
C TYR B 127 1.82 1.85 -25.34
N LEU B 128 0.62 2.34 -24.97
CA LEU B 128 0.04 2.31 -23.62
C LEU B 128 -0.11 0.89 -23.09
N ARG B 129 0.43 0.66 -21.87
CA ARG B 129 0.39 -0.65 -21.18
C ARG B 129 -0.24 -0.52 -19.80
N LEU B 130 0.08 0.55 -19.06
CA LEU B 130 -0.45 0.81 -17.72
C LEU B 130 -1.28 2.10 -17.70
N LEU B 131 -2.59 1.97 -17.43
CA LEU B 131 -3.51 3.10 -17.38
C LEU B 131 -4.27 3.09 -16.04
N PHE B 132 -4.20 4.22 -15.31
CA PHE B 132 -4.85 4.36 -14.01
C PHE B 132 -5.89 5.49 -14.03
N LEU B 133 -7.18 5.11 -13.98
CA LEU B 133 -8.31 6.05 -13.99
C LEU B 133 -9.05 6.00 -12.63
N SER B 134 -8.30 5.71 -11.55
CA SER B 134 -8.82 5.61 -10.18
C SER B 134 -9.23 6.96 -9.60
N ARG B 135 -10.23 6.94 -8.68
CA ARG B 135 -10.79 8.10 -7.97
C ARG B 135 -11.26 9.25 -8.90
N ASN B 136 -11.98 8.87 -9.98
CA ASN B 136 -12.52 9.80 -10.97
C ASN B 136 -14.06 9.75 -11.03
N HIS B 137 -14.69 10.69 -11.76
CA HIS B 137 -16.14 10.78 -11.90
C HIS B 137 -16.67 10.17 -13.22
N LEU B 138 -16.05 9.06 -13.66
CA LEU B 138 -16.43 8.35 -14.89
C LEU B 138 -17.73 7.57 -14.70
N SER B 139 -18.75 7.86 -15.55
CA SER B 139 -20.06 7.21 -15.50
C SER B 139 -20.03 5.78 -16.07
N THR B 140 -19.15 5.55 -17.07
CA THR B 140 -18.94 4.26 -17.76
C THR B 140 -17.49 4.10 -18.26
N ILE B 141 -17.07 2.85 -18.53
CA ILE B 141 -15.72 2.55 -19.03
C ILE B 141 -15.58 3.11 -20.47
N PRO B 142 -14.57 3.97 -20.74
CA PRO B 142 -14.41 4.51 -22.10
C PRO B 142 -14.24 3.42 -23.17
N GLY B 143 -14.91 3.61 -24.29
CA GLY B 143 -14.90 2.66 -25.42
C GLY B 143 -13.56 2.45 -26.07
N GLY B 144 -13.07 3.49 -26.75
CA GLY B 144 -11.80 3.46 -27.48
C GLY B 144 -10.56 3.33 -26.62
N LEU B 145 -10.25 2.10 -26.18
CA LEU B 145 -9.06 1.77 -25.39
C LEU B 145 -8.13 0.88 -26.26
N PRO B 146 -6.80 1.15 -26.34
CA PRO B 146 -5.92 0.30 -27.16
C PRO B 146 -5.71 -1.09 -26.58
N ARG B 147 -5.53 -2.08 -27.47
CA ARG B 147 -5.32 -3.50 -27.17
C ARG B 147 -4.06 -3.79 -26.35
N THR B 148 -3.03 -2.93 -26.47
CA THR B 148 -1.74 -3.07 -25.78
C THR B 148 -1.76 -2.92 -24.24
N ILE B 149 -2.88 -2.45 -23.65
CA ILE B 149 -3.03 -2.27 -22.20
C ILE B 149 -2.95 -3.63 -21.47
N GLU B 150 -2.04 -3.72 -20.48
CA GLU B 150 -1.83 -4.92 -19.66
C GLU B 150 -2.45 -4.79 -18.28
N GLU B 151 -2.51 -3.55 -17.74
CA GLU B 151 -3.09 -3.25 -16.43
C GLU B 151 -3.97 -2.00 -16.50
N LEU B 152 -5.22 -2.13 -16.01
CA LEU B 152 -6.20 -1.04 -15.98
C LEU B 152 -6.90 -0.99 -14.61
N ARG B 153 -6.90 0.19 -13.97
CA ARG B 153 -7.52 0.41 -12.67
C ARG B 153 -8.59 1.50 -12.73
N LEU B 154 -9.81 1.17 -12.26
CA LEU B 154 -10.96 2.07 -12.24
C LEU B 154 -11.63 2.09 -10.86
N ASP B 155 -10.82 1.95 -9.78
CA ASP B 155 -11.30 1.94 -8.40
C ASP B 155 -11.78 3.30 -7.89
N ASP B 156 -12.81 3.30 -7.02
CA ASP B 156 -13.47 4.46 -6.41
C ASP B 156 -14.04 5.46 -7.44
N ASN B 157 -14.73 4.93 -8.47
CA ASN B 157 -15.35 5.71 -9.54
C ASN B 157 -16.89 5.71 -9.45
N ARG B 158 -17.56 6.44 -10.37
CA ARG B 158 -19.02 6.54 -10.41
C ARG B 158 -19.65 5.63 -11.50
N ILE B 159 -18.94 4.54 -11.86
CA ILE B 159 -19.38 3.58 -12.89
C ILE B 159 -20.61 2.78 -12.43
N SER B 160 -21.67 2.79 -13.25
CA SER B 160 -22.94 2.10 -12.99
C SER B 160 -23.23 1.03 -14.04
N THR B 161 -22.92 1.32 -15.33
CA THR B 161 -23.14 0.41 -16.46
C THR B 161 -21.88 0.20 -17.30
N ILE B 162 -21.68 -1.03 -17.81
CA ILE B 162 -20.54 -1.40 -18.66
C ILE B 162 -21.06 -1.91 -20.02
N SER B 163 -20.61 -1.27 -21.11
CA SER B 163 -20.97 -1.62 -22.48
C SER B 163 -20.14 -2.81 -22.98
N SER B 164 -20.76 -3.68 -23.80
CA SER B 164 -20.13 -4.87 -24.38
C SER B 164 -18.91 -4.59 -25.30
N PRO B 165 -18.92 -3.63 -26.26
CA PRO B 165 -17.72 -3.43 -27.09
C PRO B 165 -16.61 -2.58 -26.47
N SER B 166 -16.84 -2.07 -25.23
CA SER B 166 -15.88 -1.24 -24.50
C SER B 166 -14.63 -2.02 -24.06
N LEU B 167 -14.82 -3.25 -23.55
CA LEU B 167 -13.71 -4.11 -23.10
C LEU B 167 -13.36 -5.21 -24.12
N HIS B 168 -14.23 -5.39 -25.15
CA HIS B 168 -14.05 -6.40 -26.22
C HIS B 168 -12.87 -6.02 -27.12
N GLY B 169 -12.01 -6.99 -27.39
CA GLY B 169 -10.83 -6.82 -28.23
C GLY B 169 -9.52 -6.80 -27.46
N LEU B 170 -9.55 -6.34 -26.19
CA LEU B 170 -8.38 -6.25 -25.32
C LEU B 170 -7.86 -7.65 -24.94
N THR B 171 -7.04 -8.23 -25.82
CA THR B 171 -6.47 -9.57 -25.67
C THR B 171 -5.37 -9.63 -24.60
N SER B 172 -4.41 -8.68 -24.64
CA SER B 172 -3.27 -8.62 -23.72
C SER B 172 -3.57 -8.05 -22.32
N LEU B 173 -4.85 -7.76 -22.01
CA LEU B 173 -5.27 -7.24 -20.70
C LEU B 173 -5.14 -8.32 -19.62
N LYS B 174 -4.41 -8.01 -18.53
CA LYS B 174 -4.15 -8.96 -17.43
C LYS B 174 -4.87 -8.59 -16.14
N ARG B 175 -4.84 -7.30 -15.74
CA ARG B 175 -5.47 -6.84 -14.50
C ARG B 175 -6.55 -5.79 -14.74
N LEU B 176 -7.71 -5.96 -14.08
CA LEU B 176 -8.86 -5.05 -14.14
C LEU B 176 -9.48 -4.88 -12.75
N VAL B 177 -9.35 -3.67 -12.18
CA VAL B 177 -9.87 -3.33 -10.85
C VAL B 177 -11.07 -2.39 -10.98
N LEU B 178 -12.23 -2.82 -10.46
CA LEU B 178 -13.48 -2.06 -10.48
C LEU B 178 -14.08 -2.00 -9.07
N ASP B 179 -13.42 -1.23 -8.18
CA ASP B 179 -13.81 -1.07 -6.78
C ASP B 179 -14.54 0.25 -6.52
N GLY B 180 -15.31 0.29 -5.42
CA GLY B 180 -16.08 1.46 -4.97
C GLY B 180 -17.01 2.07 -6.02
N ASN B 181 -17.73 1.21 -6.75
CA ASN B 181 -18.66 1.61 -7.81
C ASN B 181 -20.10 1.22 -7.48
N LEU B 182 -21.07 1.76 -8.25
CA LEU B 182 -22.49 1.47 -8.12
C LEU B 182 -22.92 0.37 -9.11
N LEU B 183 -21.96 -0.51 -9.48
CA LEU B 183 -22.15 -1.61 -10.42
C LEU B 183 -23.01 -2.73 -9.86
N ASN B 184 -24.14 -2.99 -10.54
CA ASN B 184 -25.11 -4.03 -10.19
C ASN B 184 -24.90 -5.23 -11.13
N ASN B 185 -25.62 -6.35 -10.89
CA ASN B 185 -25.56 -7.56 -11.71
C ASN B 185 -26.08 -7.30 -13.14
N HIS B 186 -27.01 -6.34 -13.28
CA HIS B 186 -27.59 -5.94 -14.56
C HIS B 186 -26.76 -4.88 -15.29
N GLY B 187 -26.12 -4.00 -14.53
CA GLY B 187 -25.26 -2.94 -15.05
C GLY B 187 -24.03 -3.48 -15.76
N LEU B 188 -23.47 -4.58 -15.21
CA LEU B 188 -22.31 -5.29 -15.76
C LEU B 188 -22.73 -6.00 -17.06
N GLY B 189 -21.81 -6.03 -18.02
CA GLY B 189 -22.01 -6.63 -19.34
C GLY B 189 -22.41 -8.08 -19.32
N ASP B 190 -23.24 -8.49 -20.30
CA ASP B 190 -23.75 -9.85 -20.48
C ASP B 190 -22.60 -10.83 -20.77
N LYS B 191 -21.68 -10.41 -21.65
CA LYS B 191 -20.48 -11.14 -22.04
C LYS B 191 -19.39 -10.09 -22.29
N VAL B 192 -18.60 -9.77 -21.26
CA VAL B 192 -17.57 -8.74 -21.33
C VAL B 192 -16.17 -9.22 -20.88
N PHE B 193 -16.10 -10.27 -20.03
CA PHE B 193 -14.83 -10.81 -19.52
C PHE B 193 -14.35 -12.05 -20.30
N PHE B 194 -15.28 -12.75 -20.99
CA PHE B 194 -15.05 -13.96 -21.78
C PHE B 194 -13.92 -13.81 -22.81
N ASN B 195 -13.87 -12.67 -23.52
CA ASN B 195 -12.86 -12.39 -24.54
C ASN B 195 -11.47 -12.10 -23.96
N LEU B 196 -11.41 -11.63 -22.69
CA LEU B 196 -10.15 -11.32 -22.00
C LEU B 196 -9.46 -12.64 -21.58
N VAL B 197 -8.70 -13.24 -22.51
CA VAL B 197 -7.99 -14.51 -22.30
C VAL B 197 -6.77 -14.42 -21.37
N ASN B 198 -5.99 -13.33 -21.46
CA ASN B 198 -4.79 -13.12 -20.64
C ASN B 198 -5.09 -12.53 -19.24
N LEU B 199 -6.38 -12.29 -18.93
CA LEU B 199 -6.84 -11.74 -17.65
C LEU B 199 -6.50 -12.68 -16.49
N THR B 200 -5.74 -12.17 -15.51
CA THR B 200 -5.26 -12.93 -14.34
C THR B 200 -5.98 -12.47 -13.05
N GLU B 201 -6.06 -11.15 -12.81
CA GLU B 201 -6.68 -10.59 -11.62
C GLU B 201 -7.90 -9.72 -11.93
N LEU B 202 -9.01 -9.97 -11.23
CA LEU B 202 -10.26 -9.22 -11.37
C LEU B 202 -10.82 -8.85 -9.99
N SER B 203 -10.98 -7.55 -9.73
CA SER B 203 -11.47 -7.03 -8.46
C SER B 203 -12.79 -6.28 -8.62
N LEU B 204 -13.82 -6.72 -7.89
CA LEU B 204 -15.17 -6.13 -7.89
C LEU B 204 -15.62 -5.86 -6.44
N VAL B 205 -14.69 -5.35 -5.61
CA VAL B 205 -14.88 -5.03 -4.18
C VAL B 205 -15.77 -3.78 -4.02
N ARG B 206 -16.77 -3.87 -3.10
CA ARG B 206 -17.72 -2.80 -2.74
C ARG B 206 -18.54 -2.29 -3.95
N ASN B 207 -19.50 -3.12 -4.40
CA ASN B 207 -20.40 -2.82 -5.51
C ASN B 207 -21.84 -3.21 -5.18
N SER B 208 -22.81 -2.80 -6.04
CA SER B 208 -24.23 -3.08 -5.86
C SER B 208 -24.70 -4.40 -6.52
N LEU B 209 -23.76 -5.31 -6.82
CA LEU B 209 -24.02 -6.62 -7.43
C LEU B 209 -24.96 -7.48 -6.58
N THR B 210 -26.01 -8.05 -7.22
CA THR B 210 -27.03 -8.87 -6.56
C THR B 210 -26.75 -10.36 -6.65
N ALA B 211 -25.94 -10.79 -7.65
CA ALA B 211 -25.56 -12.19 -7.87
C ALA B 211 -24.18 -12.30 -8.53
N ALA B 212 -23.56 -13.50 -8.48
CA ALA B 212 -22.25 -13.78 -9.08
C ALA B 212 -22.34 -13.79 -10.61
N PRO B 213 -21.40 -13.15 -11.34
CA PRO B 213 -21.49 -13.13 -12.81
C PRO B 213 -21.02 -14.41 -13.48
N VAL B 214 -21.56 -14.68 -14.69
CA VAL B 214 -21.23 -15.85 -15.52
C VAL B 214 -20.30 -15.48 -16.69
N ASN B 215 -19.88 -16.48 -17.49
CA ASN B 215 -18.99 -16.36 -18.65
C ASN B 215 -17.59 -15.82 -18.32
N LEU B 216 -17.09 -16.13 -17.10
CA LEU B 216 -15.78 -15.70 -16.62
C LEU B 216 -14.67 -16.54 -17.28
N PRO B 217 -13.52 -15.94 -17.68
CA PRO B 217 -12.46 -16.75 -18.32
C PRO B 217 -11.70 -17.64 -17.33
N GLY B 218 -11.58 -18.92 -17.69
CA GLY B 218 -10.88 -19.91 -16.89
C GLY B 218 -9.61 -20.39 -17.57
N THR B 219 -8.88 -19.46 -18.21
CA THR B 219 -7.64 -19.72 -18.94
C THR B 219 -6.42 -19.20 -18.19
N SER B 220 -6.48 -17.95 -17.68
CA SER B 220 -5.37 -17.31 -16.97
C SER B 220 -5.75 -16.70 -15.61
N LEU B 221 -7.07 -16.57 -15.33
CA LEU B 221 -7.58 -15.99 -14.09
C LEU B 221 -7.19 -16.78 -12.84
N ARG B 222 -6.49 -16.10 -11.91
CA ARG B 222 -5.99 -16.67 -10.66
C ARG B 222 -6.68 -16.07 -9.43
N LYS B 223 -6.98 -14.76 -9.47
CA LYS B 223 -7.62 -14.06 -8.36
C LYS B 223 -8.94 -13.40 -8.77
N LEU B 224 -10.01 -13.69 -8.02
CA LEU B 224 -11.35 -13.14 -8.23
C LEU B 224 -11.86 -12.55 -6.92
N TYR B 225 -12.08 -11.23 -6.89
CA TYR B 225 -12.55 -10.51 -5.71
C TYR B 225 -13.99 -10.03 -5.85
N LEU B 226 -14.86 -10.48 -4.93
CA LEU B 226 -16.29 -10.14 -4.87
C LEU B 226 -16.65 -9.71 -3.44
N GLN B 227 -15.71 -9.01 -2.77
CA GLN B 227 -15.82 -8.52 -1.39
C GLN B 227 -16.82 -7.36 -1.25
N ASP B 228 -17.45 -7.26 -0.06
CA ASP B 228 -18.43 -6.22 0.31
C ASP B 228 -19.56 -6.00 -0.71
N ASN B 229 -20.13 -7.11 -1.21
CA ASN B 229 -21.22 -7.11 -2.19
C ASN B 229 -22.54 -7.62 -1.61
N HIS B 230 -23.63 -7.51 -2.38
CA HIS B 230 -24.96 -7.96 -1.95
C HIS B 230 -25.41 -9.21 -2.72
N ILE B 231 -24.48 -10.16 -2.93
CA ILE B 231 -24.72 -11.42 -3.65
C ILE B 231 -25.54 -12.38 -2.78
N ASN B 232 -26.74 -12.76 -3.27
CA ASN B 232 -27.66 -13.67 -2.59
C ASN B 232 -27.50 -15.10 -3.09
N ARG B 233 -27.50 -15.28 -4.43
CA ARG B 233 -27.37 -16.58 -5.09
C ARG B 233 -26.19 -16.64 -6.05
N VAL B 234 -25.53 -17.80 -6.11
CA VAL B 234 -24.41 -18.07 -7.00
C VAL B 234 -24.77 -19.26 -7.91
N PRO B 235 -24.85 -19.07 -9.25
CA PRO B 235 -25.18 -20.20 -10.14
C PRO B 235 -24.02 -21.20 -10.27
N PRO B 236 -24.26 -22.49 -10.60
CA PRO B 236 -23.14 -23.45 -10.72
C PRO B 236 -22.21 -23.22 -11.91
N ASN B 237 -22.63 -22.36 -12.87
CA ASN B 237 -21.87 -22.01 -14.08
C ASN B 237 -20.97 -20.77 -13.88
N ALA B 238 -21.07 -20.12 -12.71
CA ALA B 238 -20.29 -18.93 -12.35
C ALA B 238 -18.81 -19.26 -12.08
N PHE B 239 -18.54 -20.37 -11.35
CA PHE B 239 -17.19 -20.81 -11.03
C PHE B 239 -16.71 -21.97 -11.92
N SER B 240 -17.56 -22.38 -12.89
CA SER B 240 -17.28 -23.45 -13.85
C SER B 240 -16.16 -23.07 -14.82
N TYR B 241 -15.29 -24.04 -15.15
CA TYR B 241 -14.13 -23.93 -16.06
C TYR B 241 -12.93 -23.14 -15.47
N LEU B 242 -13.13 -22.48 -14.31
CA LEU B 242 -12.09 -21.71 -13.62
C LEU B 242 -11.07 -22.65 -12.93
N ARG B 243 -10.39 -23.47 -13.75
CA ARG B 243 -9.41 -24.47 -13.33
C ARG B 243 -8.13 -23.84 -12.79
N GLN B 244 -7.75 -22.65 -13.30
CA GLN B 244 -6.53 -21.94 -12.89
C GLN B 244 -6.68 -20.94 -11.74
N LEU B 245 -7.89 -20.82 -11.15
CA LEU B 245 -8.15 -19.89 -10.04
C LEU B 245 -7.48 -20.35 -8.75
N TYR B 246 -6.64 -19.47 -8.18
CA TYR B 246 -5.88 -19.69 -6.95
C TYR B 246 -6.59 -19.11 -5.73
N ARG B 247 -7.11 -17.86 -5.84
CA ARG B 247 -7.80 -17.16 -4.75
C ARG B 247 -9.23 -16.76 -5.12
N LEU B 248 -10.17 -16.97 -4.19
CA LEU B 248 -11.58 -16.61 -4.33
C LEU B 248 -12.05 -15.97 -3.01
N ASP B 249 -12.21 -14.63 -3.03
CA ASP B 249 -12.64 -13.85 -1.87
C ASP B 249 -14.06 -13.33 -2.06
N MET B 250 -14.97 -13.75 -1.16
CA MET B 250 -16.39 -13.35 -1.18
C MET B 250 -16.85 -12.92 0.22
N SER B 251 -16.04 -12.09 0.90
CA SER B 251 -16.34 -11.57 2.23
C SER B 251 -17.43 -10.50 2.22
N ASN B 252 -18.23 -10.44 3.31
CA ASN B 252 -19.33 -9.51 3.53
C ASN B 252 -20.42 -9.57 2.44
N ASN B 253 -21.01 -10.75 2.26
CA ASN B 253 -22.08 -11.01 1.27
C ASN B 253 -23.35 -11.58 1.92
N ASN B 254 -24.46 -11.62 1.15
CA ASN B 254 -25.76 -12.10 1.62
C ASN B 254 -26.08 -13.57 1.26
N LEU B 255 -25.03 -14.41 1.12
CA LEU B 255 -25.18 -15.82 0.78
C LEU B 255 -25.70 -16.65 1.96
N SER B 256 -26.69 -17.52 1.70
CA SER B 256 -27.29 -18.39 2.71
C SER B 256 -27.04 -19.87 2.45
N ASN B 257 -27.08 -20.29 1.17
CA ASN B 257 -26.88 -21.68 0.75
C ASN B 257 -26.17 -21.79 -0.59
N LEU B 258 -25.42 -22.90 -0.78
CA LEU B 258 -24.68 -23.18 -2.02
C LEU B 258 -25.24 -24.42 -2.73
N PRO B 259 -25.47 -24.36 -4.08
CA PRO B 259 -26.00 -25.55 -4.78
C PRO B 259 -24.95 -26.64 -4.97
N GLN B 260 -25.41 -27.90 -5.07
CA GLN B 260 -24.56 -29.09 -5.24
C GLN B 260 -23.73 -29.05 -6.52
N GLY B 261 -22.42 -29.29 -6.38
CA GLY B 261 -21.47 -29.28 -7.48
C GLY B 261 -21.14 -27.89 -7.97
N ILE B 262 -20.54 -27.06 -7.09
CA ILE B 262 -20.16 -25.68 -7.40
C ILE B 262 -18.64 -25.44 -7.38
N PHE B 263 -17.92 -26.08 -6.44
CA PHE B 263 -16.47 -25.96 -6.29
C PHE B 263 -15.70 -27.14 -6.92
N ASP B 264 -16.43 -28.01 -7.66
CA ASP B 264 -15.89 -29.19 -8.34
C ASP B 264 -14.94 -28.87 -9.49
N ASP B 265 -15.27 -27.83 -10.29
CA ASP B 265 -14.46 -27.39 -11.43
C ASP B 265 -13.15 -26.71 -11.03
N LEU B 266 -13.08 -26.16 -9.81
CA LEU B 266 -11.90 -25.50 -9.28
C LEU B 266 -10.86 -26.55 -8.86
N ASP B 267 -9.74 -26.64 -9.61
CA ASP B 267 -8.67 -27.62 -9.35
C ASP B 267 -7.44 -27.02 -8.67
N ASN B 268 -7.02 -25.81 -9.10
CA ASN B 268 -5.85 -25.12 -8.54
C ASN B 268 -6.23 -24.19 -7.37
N ILE B 269 -7.43 -24.39 -6.78
CA ILE B 269 -7.95 -23.63 -5.65
C ILE B 269 -7.16 -23.89 -4.36
N THR B 270 -6.80 -22.81 -3.65
CA THR B 270 -6.04 -22.86 -2.39
C THR B 270 -6.72 -21.97 -1.35
N GLN B 271 -7.29 -20.83 -1.80
CA GLN B 271 -7.97 -19.86 -0.95
C GLN B 271 -9.45 -19.75 -1.31
N LEU B 272 -10.33 -19.96 -0.31
CA LEU B 272 -11.78 -19.90 -0.47
C LEU B 272 -12.39 -19.11 0.71
N ILE B 273 -12.23 -17.78 0.68
CA ILE B 273 -12.71 -16.87 1.71
C ILE B 273 -14.18 -16.52 1.50
N LEU B 274 -15.03 -16.82 2.50
CA LEU B 274 -16.47 -16.55 2.50
C LEU B 274 -16.93 -16.02 3.87
N ARG B 275 -16.18 -15.03 4.40
CA ARG B 275 -16.43 -14.38 5.70
C ARG B 275 -17.67 -13.49 5.68
N ASN B 276 -18.27 -13.26 6.88
CA ASN B 276 -19.46 -12.43 7.11
C ASN B 276 -20.64 -12.77 6.17
N ASN B 277 -21.11 -14.02 6.26
CA ASN B 277 -22.22 -14.53 5.45
C ASN B 277 -23.27 -15.22 6.33
N PRO B 278 -24.58 -14.88 6.20
CA PRO B 278 -25.59 -15.56 7.02
C PRO B 278 -25.96 -16.93 6.46
N TRP B 279 -25.08 -17.92 6.68
CA TRP B 279 -25.24 -19.31 6.21
C TRP B 279 -26.35 -20.04 6.95
N TYR B 280 -27.23 -20.71 6.19
CA TYR B 280 -28.32 -21.51 6.73
C TYR B 280 -27.92 -22.98 6.70
N CYS B 281 -27.69 -23.58 7.87
CA CYS B 281 -27.30 -24.98 8.01
C CYS B 281 -28.52 -25.85 8.30
N GLY B 282 -29.04 -26.47 7.24
CA GLY B 282 -30.22 -27.34 7.29
C GLY B 282 -29.97 -28.76 6.85
N CYS B 283 -30.59 -29.15 5.72
CA CYS B 283 -30.49 -30.50 5.16
C CYS B 283 -30.02 -30.53 3.70
N LYS B 284 -30.47 -29.54 2.89
CA LYS B 284 -30.12 -29.43 1.47
C LYS B 284 -28.65 -29.11 1.19
N MET B 285 -27.99 -28.38 2.10
CA MET B 285 -26.57 -28.01 1.96
C MET B 285 -25.61 -28.89 2.81
N LYS B 286 -26.02 -30.14 3.09
CA LYS B 286 -25.25 -31.12 3.86
C LYS B 286 -24.05 -31.69 3.09
N TRP B 287 -23.99 -31.44 1.76
CA TRP B 287 -22.92 -31.90 0.87
C TRP B 287 -21.56 -31.24 1.18
N VAL B 288 -21.60 -30.00 1.73
CA VAL B 288 -20.41 -29.20 2.10
C VAL B 288 -19.61 -29.89 3.23
N ARG B 289 -20.32 -30.56 4.16
CA ARG B 289 -19.76 -31.30 5.30
C ARG B 289 -18.82 -32.42 4.82
N ASP B 290 -19.27 -33.22 3.82
CA ASP B 290 -18.50 -34.31 3.23
C ASP B 290 -17.38 -33.80 2.33
N TRP B 291 -17.58 -32.61 1.72
CA TRP B 291 -16.62 -31.96 0.82
C TRP B 291 -15.40 -31.42 1.56
N LEU B 292 -15.60 -30.77 2.73
CA LEU B 292 -14.56 -30.17 3.57
C LEU B 292 -13.60 -31.18 4.21
N GLN B 293 -14.07 -32.42 4.45
CA GLN B 293 -13.28 -33.47 5.07
C GLN B 293 -12.52 -34.38 4.08
N SER B 294 -12.79 -34.21 2.77
CA SER B 294 -12.18 -35.00 1.70
C SER B 294 -10.90 -34.41 1.11
N LEU B 295 -10.93 -33.11 0.74
CA LEU B 295 -9.79 -32.41 0.12
C LEU B 295 -9.16 -31.26 0.95
N PRO B 296 -9.92 -30.26 1.50
CA PRO B 296 -9.26 -29.16 2.24
C PRO B 296 -8.28 -29.50 3.37
N VAL B 297 -6.99 -29.55 3.01
CA VAL B 297 -5.83 -29.78 3.88
C VAL B 297 -4.86 -28.65 3.54
N LYS B 298 -4.46 -28.55 2.25
CA LYS B 298 -3.62 -27.48 1.72
C LYS B 298 -4.54 -26.32 1.35
N VAL B 299 -5.78 -26.65 0.92
CA VAL B 299 -6.85 -25.70 0.56
C VAL B 299 -7.50 -25.24 1.87
N ASN B 300 -7.66 -23.92 2.03
CA ASN B 300 -8.25 -23.34 3.24
C ASN B 300 -9.54 -22.56 2.98
N VAL B 301 -10.62 -22.96 3.69
CA VAL B 301 -11.94 -22.32 3.60
C VAL B 301 -12.15 -21.57 4.92
N ARG B 302 -12.24 -20.23 4.84
CA ARG B 302 -12.39 -19.37 6.01
C ARG B 302 -13.70 -18.58 6.02
N GLY B 303 -14.27 -18.43 7.22
CA GLY B 303 -15.52 -17.71 7.44
C GLY B 303 -16.77 -18.50 7.10
N LEU B 304 -16.61 -19.83 6.91
CA LEU B 304 -17.71 -20.74 6.57
C LEU B 304 -18.29 -21.38 7.84
N MET B 305 -19.07 -20.59 8.60
CA MET B 305 -19.71 -21.01 9.85
C MET B 305 -21.22 -20.79 9.81
N CYS B 306 -21.98 -21.59 10.59
CA CYS B 306 -23.43 -21.53 10.67
C CYS B 306 -23.93 -20.28 11.40
N GLN B 307 -24.94 -19.60 10.83
CA GLN B 307 -25.56 -18.40 11.39
C GLN B 307 -27.05 -18.60 11.66
N ALA B 308 -27.68 -19.58 10.96
CA ALA B 308 -29.09 -19.94 11.10
C ALA B 308 -29.26 -21.47 11.03
N PRO B 309 -29.95 -22.14 11.98
CA PRO B 309 -30.66 -21.61 13.16
C PRO B 309 -29.75 -21.13 14.29
N GLU B 310 -30.35 -20.51 15.33
CA GLU B 310 -29.67 -19.95 16.51
C GLU B 310 -29.01 -21.02 17.38
N LYS B 311 -29.56 -22.24 17.40
CA LYS B 311 -29.09 -23.38 18.19
C LYS B 311 -27.70 -23.86 17.78
N VAL B 312 -27.44 -23.99 16.46
CA VAL B 312 -26.16 -24.44 15.93
C VAL B 312 -25.27 -23.28 15.41
N ARG B 313 -25.55 -22.04 15.85
CA ARG B 313 -24.82 -20.83 15.48
C ARG B 313 -23.40 -20.83 16.08
N GLY B 314 -22.41 -20.57 15.23
CA GLY B 314 -21.01 -20.53 15.62
C GLY B 314 -20.23 -21.78 15.23
N MET B 315 -20.91 -22.94 15.23
CA MET B 315 -20.32 -24.24 14.89
C MET B 315 -20.01 -24.35 13.40
N ALA B 316 -18.86 -24.96 13.06
CA ALA B 316 -18.40 -25.18 11.68
C ALA B 316 -19.18 -26.31 11.01
N ILE B 317 -19.37 -26.21 9.68
CA ILE B 317 -20.08 -27.19 8.85
C ILE B 317 -19.32 -28.53 8.82
N LYS B 318 -17.98 -28.48 8.75
CA LYS B 318 -17.08 -29.64 8.72
C LYS B 318 -17.12 -30.48 10.01
N ASP B 319 -17.40 -29.84 11.16
CA ASP B 319 -17.46 -30.50 12.47
C ASP B 319 -18.83 -31.16 12.77
N LEU B 320 -19.89 -30.70 12.07
CA LEU B 320 -21.27 -31.21 12.21
C LEU B 320 -21.44 -32.66 11.75
N SER B 321 -22.54 -33.31 12.20
CA SER B 321 -22.89 -34.69 11.85
C SER B 321 -24.42 -34.84 11.73
N ALA B 322 -24.88 -35.44 10.61
CA ALA B 322 -26.30 -35.66 10.34
C ALA B 322 -26.85 -36.82 11.17
#